data_6DB6
#
_entry.id   6DB6
#
_cell.length_a   46.568
_cell.length_b   69.157
_cell.length_c   141.887
_cell.angle_alpha   90.00
_cell.angle_beta   90.00
_cell.angle_gamma   90.00
#
_symmetry.space_group_name_H-M   'P 21 21 21'
#
loop_
_entity.id
_entity.type
_entity.pdbx_description
1 polymer 'Human monoclonal anti-HIV-1 gp120 V3 antibody 311-11D Fab heavy chain'
2 polymer 'Human monoclonal anti-HIV-1 gp120 V3 antibody 311-11D Fab light chain'
3 polymer 'HIV-1 gp120 V3 peptide from MN strain'
4 branched alpha-D-mannopyranose-(1-6)-beta-D-mannopyranose-(1-4)-2-acetamido-2-deoxy-beta-D-glucopyranose-(1-4)-[alpha-D-fucopyranose-(1-6)]2-acetamido-2-deoxy-beta-D-glucopyranose
5 water water
#
loop_
_entity_poly.entity_id
_entity_poly.type
_entity_poly.pdbx_seq_one_letter_code
_entity_poly.pdbx_strand_id
1 'polypeptide(L)'
;QVQLVQSGAEVKKPGASVKISCKASGYNFTTYAMHWVRQAPGQGLEWMGWINGGNGDTRYSQKFRGRVTISRDTSASTAY
MELHSLTSEDTALFYCARESGDYYSEISGALDWGQGTLVTVSSASTKGPSVFPLAPSSKSTSGGTAALGCLVKDYFPEPV
TVSWNSGALTSGVHTFPAVLQSSGLYSLSSVVTVPSSSLGTQTYICNVNHKPSNTKVDKRVEPKSCDKTH
;
H
2 'polypeptide(L)'
;SYELTQPPSVSVSPGQTARITCSGDVLPKKYAYWYQQKSGLAPVLVIYEDNRRPSGIPERFSGSSSGTMATLTISGAQVE
DEGDYYCSSTDSSGDHYVFGTGTKVTVLGQPKANPSVTLFPPSSEELQANKATLVCLISDFYPGAVTVAWKADSSPVKAG
VETTTPSKQSNNKYAASSYLSLTPEQWKSHRSYSCQVTHEGSTVEKTVAPTECS
;
L
3 'polypeptide(L)' YNKRKRIHIGPGRAFYTTKNIIG P
#
# COMPACT_ATOMS: atom_id res chain seq x y z
N GLN A 1 25.91 1.27 -5.26
CA GLN A 1 24.58 1.57 -4.76
C GLN A 1 24.00 0.35 -4.03
N VAL A 2 23.65 0.53 -2.76
CA VAL A 2 23.04 -0.55 -1.99
C VAL A 2 21.74 -0.96 -2.65
N GLN A 3 21.54 -2.28 -2.79
CA GLN A 3 20.32 -2.81 -3.36
C GLN A 3 19.89 -4.04 -2.56
N LEU A 4 18.63 -4.06 -2.11
CA LEU A 4 18.02 -5.19 -1.41
C LEU A 4 16.79 -5.66 -2.21
N VAL A 5 16.84 -6.87 -2.76
CA VAL A 5 15.76 -7.40 -3.59
C VAL A 5 15.13 -8.58 -2.87
N GLN A 6 13.87 -8.45 -2.48
CA GLN A 6 13.17 -9.52 -1.79
C GLN A 6 12.48 -10.44 -2.78
N SER A 7 12.19 -11.67 -2.33
CA SER A 7 11.45 -12.63 -3.14
C SER A 7 9.99 -12.18 -3.31
N GLY A 8 9.27 -12.86 -4.20
CA GLY A 8 7.98 -12.40 -4.63
C GLY A 8 6.83 -12.88 -3.74
N ALA A 9 5.62 -12.45 -4.10
CA ALA A 9 4.47 -12.67 -3.25
C ALA A 9 4.19 -14.17 -3.08
N GLU A 10 3.66 -14.53 -1.89
CA GLU A 10 3.36 -15.92 -1.57
C GLU A 10 1.93 -16.06 -1.07
N VAL A 11 1.36 -17.24 -1.27
CA VAL A 11 0.11 -17.65 -0.64
C VAL A 11 0.32 -19.04 -0.06
N LYS A 12 -0.12 -19.25 1.18
CA LYS A 12 0.08 -20.51 1.88
C LYS A 12 -1.20 -20.93 2.59
N LYS A 13 -1.34 -22.23 2.82
CA LYS A 13 -2.44 -22.71 3.65
C LYS A 13 -2.05 -22.68 5.12
N PRO A 14 -3.05 -22.59 6.01
CA PRO A 14 -2.74 -22.62 7.45
C PRO A 14 -1.91 -23.85 7.81
N GLY A 15 -0.97 -23.66 8.75
CA GLY A 15 -0.06 -24.71 9.15
C GLY A 15 1.17 -24.84 8.29
N ALA A 16 1.19 -24.23 7.10
CA ALA A 16 2.40 -24.22 6.29
C ALA A 16 3.45 -23.29 6.89
N SER A 17 4.66 -23.37 6.34
CA SER A 17 5.75 -22.43 6.58
C SER A 17 6.14 -21.75 5.27
N VAL A 18 6.75 -20.57 5.39
CA VAL A 18 7.21 -19.80 4.24
C VAL A 18 8.60 -19.23 4.55
N LYS A 19 9.51 -19.30 3.60
CA LYS A 19 10.84 -18.73 3.75
C LYS A 19 11.00 -17.61 2.72
N ILE A 20 11.04 -16.37 3.20
CA ILE A 20 11.23 -15.18 2.36
C ILE A 20 12.73 -14.92 2.26
N SER A 21 13.18 -14.42 1.10
CA SER A 21 14.58 -14.10 0.89
C SER A 21 14.76 -12.61 0.62
N CYS A 22 15.96 -12.14 0.90
CA CYS A 22 16.35 -10.74 0.76
C CYS A 22 17.78 -10.74 0.22
N LYS A 23 17.94 -10.52 -1.08
CA LYS A 23 19.26 -10.56 -1.72
C LYS A 23 19.92 -9.18 -1.67
N ALA A 24 21.10 -9.11 -1.06
CA ALA A 24 21.81 -7.85 -0.88
C ALA A 24 22.99 -7.74 -1.85
N SER A 25 23.20 -6.53 -2.35
CA SER A 25 24.36 -6.25 -3.19
C SER A 25 24.72 -4.77 -3.05
N GLY A 26 25.93 -4.43 -3.50
CA GLY A 26 26.42 -3.08 -3.44
C GLY A 26 27.13 -2.70 -2.16
N TYR A 27 27.35 -3.65 -1.26
CA TYR A 27 28.11 -3.37 -0.04
C TYR A 27 28.66 -4.69 0.48
N ASN A 28 29.46 -4.61 1.53
CA ASN A 28 30.07 -5.79 2.13
C ASN A 28 29.04 -6.43 3.06
N PHE A 29 28.52 -7.60 2.64
CA PHE A 29 27.38 -8.20 3.33
C PHE A 29 27.70 -8.54 4.78
N THR A 30 28.93 -8.94 5.06
CA THR A 30 29.29 -9.38 6.41
C THR A 30 29.54 -8.25 7.38
N THR A 31 29.63 -7.02 6.89
CA THR A 31 29.87 -5.90 7.79
C THR A 31 28.62 -5.45 8.54
N TYR A 32 27.41 -5.73 8.05
CA TYR A 32 26.21 -5.10 8.60
C TYR A 32 25.15 -6.12 9.01
N ALA A 33 24.26 -5.70 9.90
CA ALA A 33 23.13 -6.53 10.26
C ALA A 33 21.96 -6.24 9.33
N MET A 34 20.99 -7.15 9.32
CA MET A 34 19.79 -7.04 8.51
C MET A 34 18.58 -7.12 9.43
N HIS A 35 17.68 -6.12 9.38
CA HIS A 35 16.43 -6.14 10.13
C HIS A 35 15.35 -6.83 9.30
N TRP A 36 14.33 -7.38 9.99
CA TRP A 36 13.10 -7.84 9.34
C TRP A 36 11.91 -7.19 10.04
N VAL A 37 10.97 -6.68 9.24
CA VAL A 37 9.87 -5.85 9.72
C VAL A 37 8.57 -6.33 9.08
N ARG A 38 7.50 -6.39 9.88
CA ARG A 38 6.19 -6.82 9.40
C ARG A 38 5.24 -5.63 9.45
N GLN A 39 4.32 -5.57 8.49
CA GLN A 39 3.28 -4.55 8.47
C GLN A 39 1.98 -5.20 7.98
N ALA A 40 1.10 -5.53 8.91
CA ALA A 40 -0.21 -6.05 8.53
C ALA A 40 -0.99 -4.95 7.81
N PRO A 41 -1.88 -5.32 6.90
CA PRO A 41 -2.56 -4.30 6.09
C PRO A 41 -3.27 -3.25 6.94
N GLY A 42 -2.96 -1.98 6.67
CA GLY A 42 -3.54 -0.87 7.39
C GLY A 42 -3.07 -0.68 8.81
N GLN A 43 -1.98 -1.34 9.21
CA GLN A 43 -1.49 -1.23 10.58
C GLN A 43 -0.07 -0.65 10.58
N GLY A 44 0.55 -0.61 11.77
CA GLY A 44 1.86 0.00 11.90
C GLY A 44 3.00 -0.97 11.62
N LEU A 45 4.21 -0.45 11.74
CA LEU A 45 5.41 -1.26 11.57
C LEU A 45 5.70 -2.04 12.84
N GLU A 46 6.09 -3.31 12.67
CA GLU A 46 6.45 -4.17 13.79
C GLU A 46 7.83 -4.74 13.52
N TRP A 47 8.78 -4.48 14.40
CA TRP A 47 10.13 -5.02 14.25
C TRP A 47 10.11 -6.48 14.68
N MET A 48 10.62 -7.36 13.81
CA MET A 48 10.56 -8.81 14.07
C MET A 48 11.85 -9.35 14.66
N GLY A 49 12.99 -8.89 14.17
CA GLY A 49 14.27 -9.44 14.60
C GLY A 49 15.36 -8.92 13.69
N TRP A 50 16.59 -9.32 14.00
CA TRP A 50 17.69 -9.00 13.09
C TRP A 50 18.80 -10.04 13.23
N ILE A 51 19.77 -9.95 12.31
CA ILE A 51 20.86 -10.92 12.21
C ILE A 51 22.09 -10.20 11.71
N ASN A 52 23.26 -10.57 12.25
CA ASN A 52 24.53 -10.10 11.72
C ASN A 52 24.84 -10.86 10.43
N GLY A 53 25.08 -10.13 9.34
CA GLY A 53 25.48 -10.80 8.12
C GLY A 53 26.78 -11.56 8.27
N GLY A 54 27.65 -11.10 9.17
CA GLY A 54 28.91 -11.78 9.42
C GLY A 54 28.79 -13.00 10.31
N ASN A 55 28.63 -12.80 11.62
CA ASN A 55 28.70 -13.93 12.53
C ASN A 55 27.37 -14.65 12.72
N GLY A 56 26.29 -14.17 12.09
CA GLY A 56 25.04 -14.90 12.07
C GLY A 56 24.22 -14.87 13.34
N ASP A 57 24.65 -14.18 14.40
CA ASP A 57 23.85 -14.09 15.62
C ASP A 57 22.53 -13.39 15.34
N THR A 58 21.49 -13.81 16.06
CA THR A 58 20.14 -13.28 15.88
C THR A 58 19.57 -12.83 17.21
N ARG A 59 18.60 -11.91 17.14
CA ARG A 59 17.70 -11.59 18.23
C ARG A 59 16.31 -11.41 17.64
N TYR A 60 15.28 -11.74 18.42
CA TYR A 60 13.89 -11.71 17.97
C TYR A 60 13.03 -10.93 18.95
N SER A 61 12.06 -10.20 18.44
CA SER A 61 11.10 -9.53 19.32
C SER A 61 10.28 -10.57 20.09
N GLN A 62 9.75 -10.14 21.23
CA GLN A 62 8.92 -11.01 22.06
C GLN A 62 7.81 -11.67 21.24
N LYS A 63 7.14 -10.91 20.38
CA LYS A 63 6.01 -11.43 19.61
C LYS A 63 6.41 -12.59 18.69
N PHE A 64 7.59 -12.51 18.07
CA PHE A 64 7.91 -13.49 17.04
C PHE A 64 8.95 -14.52 17.45
N ARG A 65 9.58 -14.36 18.62
CA ARG A 65 10.55 -15.32 19.11
C ARG A 65 9.87 -16.66 19.34
N GLY A 66 10.38 -17.71 18.71
CA GLY A 66 9.75 -19.01 18.79
C GLY A 66 8.79 -19.30 17.65
N ARG A 67 8.45 -18.30 16.82
CA ARG A 67 7.68 -18.53 15.61
C ARG A 67 8.46 -18.31 14.33
N VAL A 68 9.64 -17.68 14.38
CA VAL A 68 10.37 -17.36 13.16
C VAL A 68 11.83 -17.75 13.29
N THR A 69 12.47 -18.02 12.15
CA THR A 69 13.91 -18.22 12.10
C THR A 69 14.50 -17.25 11.07
N ILE A 70 15.34 -16.35 11.52
CA ILE A 70 16.12 -15.50 10.62
C ILE A 70 17.49 -16.14 10.43
N SER A 71 17.94 -16.21 9.16
CA SER A 71 19.23 -16.80 8.83
C SER A 71 19.87 -16.01 7.70
N ARG A 72 21.14 -16.31 7.44
CA ARG A 72 21.88 -15.63 6.38
C ARG A 72 22.81 -16.63 5.69
N ASP A 73 23.07 -16.39 4.41
CA ASP A 73 24.01 -17.21 3.63
C ASP A 73 25.00 -16.25 2.97
N THR A 74 26.20 -16.10 3.56
CA THR A 74 27.14 -15.11 3.06
C THR A 74 27.58 -15.40 1.63
N SER A 75 27.74 -16.68 1.28
CA SER A 75 28.18 -17.01 -0.07
C SER A 75 27.11 -16.71 -1.12
N ALA A 76 25.86 -16.51 -0.71
CA ALA A 76 24.82 -16.01 -1.60
C ALA A 76 24.43 -14.58 -1.30
N SER A 77 25.06 -13.95 -0.30
CA SER A 77 24.82 -12.56 0.04
C SER A 77 23.33 -12.28 0.28
N THR A 78 22.67 -13.19 0.99
CA THR A 78 21.22 -13.17 1.15
C THR A 78 20.85 -13.42 2.61
N ALA A 79 19.85 -12.69 3.08
CA ALA A 79 19.25 -12.95 4.39
C ALA A 79 17.89 -13.60 4.19
N TYR A 80 17.47 -14.39 5.18
CA TYR A 80 16.26 -15.17 5.09
C TYR A 80 15.44 -15.01 6.36
N MET A 81 14.13 -15.06 6.19
CA MET A 81 13.17 -15.08 7.29
C MET A 81 12.23 -16.24 7.03
N GLU A 82 12.18 -17.19 7.94
CA GLU A 82 11.23 -18.29 7.83
C GLU A 82 10.18 -18.13 8.91
N LEU A 83 8.92 -18.19 8.52
CA LEU A 83 7.81 -18.06 9.45
C LEU A 83 7.11 -19.42 9.51
N HIS A 84 7.08 -20.00 10.71
CA HIS A 84 6.59 -21.36 10.87
C HIS A 84 5.13 -21.38 11.28
N SER A 85 4.42 -22.41 10.84
CA SER A 85 3.06 -22.72 11.27
C SER A 85 2.14 -21.49 11.14
N LEU A 86 1.96 -21.07 9.89
CA LEU A 86 1.19 -19.89 9.57
C LEU A 86 -0.29 -20.09 9.89
N THR A 87 -0.95 -19.02 10.31
CA THR A 87 -2.40 -18.96 10.39
C THR A 87 -2.90 -17.78 9.54
N SER A 88 -4.21 -17.75 9.29
CA SER A 88 -4.76 -16.71 8.42
C SER A 88 -4.46 -15.32 8.95
N GLU A 89 -4.40 -15.17 10.27
CA GLU A 89 -4.14 -13.87 10.87
C GLU A 89 -2.71 -13.39 10.62
N ASP A 90 -1.84 -14.23 10.05
CA ASP A 90 -0.46 -13.86 9.77
C ASP A 90 -0.29 -13.06 8.49
N THR A 91 -1.34 -12.95 7.67
CA THR A 91 -1.25 -12.25 6.39
C THR A 91 -0.70 -10.84 6.55
N ALA A 92 0.40 -10.54 5.85
CA ALA A 92 1.05 -9.25 6.03
C ALA A 92 2.06 -9.03 4.92
N LEU A 93 2.55 -7.80 4.86
CA LEU A 93 3.73 -7.43 4.09
C LEU A 93 4.94 -7.49 5.01
N PHE A 94 6.05 -8.00 4.47
CA PHE A 94 7.28 -8.13 5.23
C PHE A 94 8.40 -7.41 4.51
N TYR A 95 9.20 -6.66 5.28
CA TYR A 95 10.33 -5.90 4.75
C TYR A 95 11.64 -6.41 5.35
N CYS A 96 12.69 -6.44 4.55
CA CYS A 96 14.04 -6.48 5.11
C CYS A 96 14.66 -5.10 4.99
N ALA A 97 15.62 -4.79 5.87
CA ALA A 97 16.27 -3.50 5.80
C ALA A 97 17.69 -3.62 6.35
N ARG A 98 18.63 -2.97 5.70
CA ARG A 98 20.03 -3.01 6.14
C ARG A 98 20.23 -2.02 7.29
N GLU A 99 20.82 -2.50 8.38
CA GLU A 99 21.32 -1.59 9.41
C GLU A 99 22.57 -0.88 8.89
N SER A 100 22.54 0.45 8.88
CA SER A 100 23.70 1.21 8.42
C SER A 100 24.75 1.41 9.50
N GLY A 101 24.45 1.08 10.75
CA GLY A 101 25.39 1.33 11.82
C GLY A 101 26.57 0.37 11.81
N ASP A 102 27.72 0.88 12.25
CA ASP A 102 28.95 0.12 12.29
C ASP A 102 29.97 0.97 13.03
N TYR A 103 30.97 0.30 13.61
CA TYR A 103 32.03 1.01 14.31
C TYR A 103 32.61 2.12 13.43
N TYR A 104 32.73 1.87 12.12
CA TYR A 104 33.32 2.81 11.18
C TYR A 104 32.31 3.44 10.23
N SER A 105 31.06 3.52 10.65
CA SER A 105 30.02 4.23 9.91
C SER A 105 29.63 5.49 10.66
N GLU A 106 29.45 6.58 9.92
CA GLU A 106 28.99 7.81 10.57
C GLU A 106 27.49 7.85 10.77
N ILE A 107 26.78 6.80 10.38
CA ILE A 107 25.33 6.77 10.40
C ILE A 107 24.88 5.45 11.04
N SER A 108 23.67 5.46 11.58
CA SER A 108 23.01 4.24 12.03
C SER A 108 21.53 4.40 11.74
N GLY A 109 20.79 3.30 11.88
CA GLY A 109 19.42 3.27 11.45
C GLY A 109 19.24 2.49 10.15
N ALA A 110 17.99 2.14 9.85
CA ALA A 110 17.64 1.35 8.68
C ALA A 110 17.54 2.29 7.49
N LEU A 111 18.69 2.56 6.87
CA LEU A 111 18.77 3.49 5.75
C LEU A 111 18.22 2.90 4.46
N ASP A 112 18.55 1.65 4.16
CA ASP A 112 18.18 0.98 2.90
C ASP A 112 17.17 -0.12 3.17
N TRP A 113 16.09 -0.16 2.36
CA TRP A 113 14.95 -1.06 2.55
C TRP A 113 14.67 -1.89 1.30
N GLY A 114 14.25 -3.14 1.49
CA GLY A 114 13.74 -3.93 0.40
C GLY A 114 12.40 -3.40 -0.05
N GLN A 115 11.88 -3.99 -1.14
CA GLN A 115 10.61 -3.53 -1.70
C GLN A 115 9.39 -4.17 -1.04
N GLY A 116 9.59 -5.13 -0.14
CA GLY A 116 8.47 -5.78 0.51
C GLY A 116 8.04 -7.06 -0.19
N THR A 117 7.52 -8.00 0.62
CA THR A 117 7.01 -9.29 0.18
C THR A 117 5.66 -9.50 0.84
N LEU A 118 4.60 -9.65 0.05
CA LEU A 118 3.28 -9.99 0.57
C LEU A 118 3.16 -11.49 0.79
N VAL A 119 2.72 -11.89 1.98
CA VAL A 119 2.43 -13.29 2.27
C VAL A 119 0.98 -13.36 2.69
N THR A 120 0.18 -14.13 1.95
CA THR A 120 -1.23 -14.34 2.27
C THR A 120 -1.43 -15.76 2.77
N VAL A 121 -2.19 -15.90 3.85
CA VAL A 121 -2.48 -17.21 4.43
C VAL A 121 -3.99 -17.41 4.39
N SER A 122 -4.41 -18.51 3.78
CA SER A 122 -5.82 -18.82 3.67
C SER A 122 -5.97 -20.29 3.32
N SER A 123 -7.09 -20.87 3.74
CA SER A 123 -7.42 -22.21 3.28
C SER A 123 -7.94 -22.22 1.85
N ALA A 124 -8.30 -21.06 1.29
CA ALA A 124 -8.70 -20.98 -0.10
C ALA A 124 -7.52 -21.21 -1.03
N SER A 125 -7.81 -21.63 -2.26
CA SER A 125 -6.79 -21.88 -3.27
C SER A 125 -6.63 -20.68 -4.22
N THR A 126 -5.48 -20.62 -4.87
CA THR A 126 -5.20 -19.57 -5.84
C THR A 126 -6.25 -19.57 -6.95
N LYS A 127 -6.61 -18.37 -7.42
CA LYS A 127 -7.56 -18.24 -8.52
C LYS A 127 -7.14 -17.09 -9.43
N GLY A 128 -6.92 -17.39 -10.71
CA GLY A 128 -6.58 -16.37 -11.68
C GLY A 128 -7.75 -15.44 -11.94
N PRO A 129 -7.49 -14.24 -12.45
CA PRO A 129 -8.57 -13.27 -12.66
C PRO A 129 -9.34 -13.52 -13.95
N SER A 130 -10.58 -13.04 -13.95
CA SER A 130 -11.38 -12.93 -15.16
C SER A 130 -11.42 -11.46 -15.55
N VAL A 131 -10.90 -11.14 -16.75
CA VAL A 131 -10.72 -9.76 -17.17
C VAL A 131 -11.79 -9.40 -18.20
N PHE A 132 -12.48 -8.30 -17.96
CA PHE A 132 -13.53 -7.83 -18.86
C PHE A 132 -13.26 -6.38 -19.23
N PRO A 133 -13.59 -5.99 -20.45
CA PRO A 133 -13.42 -4.59 -20.86
C PRO A 133 -14.49 -3.70 -20.28
N LEU A 134 -14.11 -2.45 -19.99
CA LEU A 134 -15.02 -1.40 -19.55
C LEU A 134 -15.04 -0.37 -20.67
N ALA A 135 -15.98 -0.52 -21.57
CA ALA A 135 -15.99 0.36 -22.73
C ALA A 135 -16.84 1.59 -22.46
N PRO A 136 -16.37 2.79 -22.77
CA PRO A 136 -17.20 3.98 -22.53
C PRO A 136 -18.29 4.09 -23.57
N SER A 137 -19.49 4.41 -23.11
CA SER A 137 -20.59 4.70 -24.01
C SER A 137 -20.56 6.16 -24.44
N SER A 138 -21.36 6.48 -25.46
CA SER A 138 -21.46 7.85 -25.94
C SER A 138 -22.01 8.78 -24.88
N LYS A 139 -22.82 8.26 -23.97
CA LYS A 139 -23.32 9.08 -22.87
C LYS A 139 -22.29 9.29 -21.77
N SER A 140 -21.20 8.53 -21.76
CA SER A 140 -20.30 8.48 -20.60
C SER A 140 -19.00 9.25 -20.77
N THR A 141 -18.79 9.96 -21.88
CA THR A 141 -17.58 10.74 -22.14
C THR A 141 -17.53 12.02 -21.29
N SER A 142 -16.37 12.66 -21.27
CA SER A 142 -16.24 13.96 -20.63
C SER A 142 -15.75 15.00 -21.63
N GLY A 143 -16.52 15.24 -22.68
CA GLY A 143 -16.07 16.18 -23.69
C GLY A 143 -14.96 15.56 -24.52
N GLY A 144 -13.87 16.30 -24.70
CA GLY A 144 -12.78 15.85 -25.56
C GLY A 144 -11.99 14.70 -24.99
N THR A 145 -12.44 14.21 -23.84
CA THR A 145 -11.74 13.22 -23.04
C THR A 145 -12.73 12.12 -22.61
N ALA A 146 -12.27 10.87 -22.58
CA ALA A 146 -13.13 9.75 -22.25
C ALA A 146 -12.38 8.73 -21.41
N ALA A 147 -13.11 8.04 -20.52
CA ALA A 147 -12.53 7.04 -19.63
C ALA A 147 -12.91 5.64 -20.10
N LEU A 148 -11.91 4.79 -20.32
CA LEU A 148 -12.15 3.39 -20.61
C LEU A 148 -11.29 2.56 -19.66
N GLY A 149 -11.61 1.26 -19.53
CA GLY A 149 -10.89 0.52 -18.53
C GLY A 149 -11.04 -0.99 -18.66
N CYS A 150 -10.55 -1.67 -17.62
CA CYS A 150 -10.61 -3.11 -17.52
C CYS A 150 -11.02 -3.48 -16.11
N LEU A 151 -11.93 -4.43 -16.00
CA LEU A 151 -12.34 -5.00 -14.72
C LEU A 151 -11.56 -6.31 -14.53
N VAL A 152 -10.80 -6.39 -13.43
CA VAL A 152 -10.05 -7.59 -13.08
C VAL A 152 -10.81 -8.28 -11.95
N LYS A 153 -11.63 -9.28 -12.30
CA LYS A 153 -12.66 -9.79 -11.40
C LYS A 153 -12.29 -11.12 -10.76
N ASP A 154 -12.54 -11.24 -9.45
CA ASP A 154 -12.57 -12.54 -8.74
C ASP A 154 -11.23 -13.28 -8.82
N TYR A 155 -10.17 -12.66 -8.28
CA TYR A 155 -8.89 -13.33 -8.21
C TYR A 155 -8.43 -13.46 -6.75
N PHE A 156 -7.39 -14.27 -6.56
CA PHE A 156 -6.80 -14.56 -5.26
C PHE A 156 -5.46 -15.27 -5.45
N PRO A 157 -4.40 -14.86 -4.73
CA PRO A 157 -4.35 -13.74 -3.79
C PRO A 157 -3.91 -12.43 -4.47
N GLU A 158 -3.73 -11.36 -3.68
CA GLU A 158 -2.99 -10.19 -4.15
C GLU A 158 -1.53 -10.59 -4.38
N PRO A 159 -0.81 -9.87 -5.26
CA PRO A 159 -1.22 -8.69 -6.00
C PRO A 159 -1.43 -8.92 -7.49
N VAL A 160 -2.02 -7.89 -8.11
CA VAL A 160 -2.22 -7.80 -9.54
C VAL A 160 -1.66 -6.45 -9.99
N THR A 161 -0.96 -6.44 -11.13
CA THR A 161 -0.54 -5.18 -11.73
C THR A 161 -1.19 -5.01 -13.09
N VAL A 162 -1.44 -3.76 -13.46
CA VAL A 162 -2.08 -3.42 -14.72
C VAL A 162 -1.24 -2.36 -15.42
N SER A 163 -0.91 -2.59 -16.68
CA SER A 163 -0.37 -1.54 -17.54
C SER A 163 -1.30 -1.39 -18.74
N TRP A 164 -1.07 -0.34 -19.52
CA TRP A 164 -1.88 -0.05 -20.69
C TRP A 164 -0.97 0.06 -21.91
N ASN A 165 -1.38 -0.56 -23.01
CA ASN A 165 -0.58 -0.61 -24.24
C ASN A 165 0.87 -0.94 -23.95
N SER A 166 1.06 -1.96 -23.10
CA SER A 166 2.41 -2.41 -22.72
C SER A 166 3.27 -1.29 -22.14
N GLY A 167 2.63 -0.30 -21.50
CA GLY A 167 3.33 0.79 -20.87
C GLY A 167 3.53 2.02 -21.73
N ALA A 168 2.98 2.03 -22.96
CA ALA A 168 3.03 3.24 -23.77
C ALA A 168 2.11 4.33 -23.21
N LEU A 169 1.17 3.98 -22.34
CA LEU A 169 0.26 4.95 -21.71
C LEU A 169 0.41 4.84 -20.20
N THR A 170 0.86 5.92 -19.57
CA THR A 170 0.98 5.95 -18.11
C THR A 170 0.35 7.20 -17.50
N SER A 171 0.39 8.33 -18.21
CA SER A 171 -0.02 9.58 -17.56
C SER A 171 -1.53 9.64 -17.32
N GLY A 172 -2.33 9.03 -18.19
CA GLY A 172 -3.76 9.03 -17.94
C GLY A 172 -4.30 7.86 -17.16
N VAL A 173 -3.43 7.03 -16.56
CA VAL A 173 -3.85 5.75 -15.97
C VAL A 173 -4.19 5.94 -14.50
N HIS A 174 -5.32 5.38 -14.07
CA HIS A 174 -5.66 5.30 -12.65
C HIS A 174 -6.05 3.86 -12.36
N THR A 175 -5.26 3.17 -11.55
CA THR A 175 -5.53 1.80 -11.18
C THR A 175 -6.00 1.80 -9.73
N PHE A 176 -7.20 1.29 -9.49
CA PHE A 176 -7.84 1.46 -8.19
C PHE A 176 -7.47 0.30 -7.27
N PRO A 177 -7.26 0.56 -5.99
CA PRO A 177 -7.04 -0.55 -5.05
C PRO A 177 -8.20 -1.56 -5.08
N ALA A 178 -7.86 -2.83 -4.86
CA ALA A 178 -8.85 -3.90 -4.96
C ALA A 178 -9.84 -3.86 -3.81
N VAL A 179 -11.04 -4.34 -4.08
CA VAL A 179 -12.01 -4.64 -3.03
C VAL A 179 -11.86 -6.12 -2.68
N LEU A 180 -11.96 -6.44 -1.40
CA LEU A 180 -12.00 -7.82 -0.93
C LEU A 180 -13.45 -8.17 -0.66
N GLN A 181 -14.00 -9.09 -1.44
CA GLN A 181 -15.42 -9.40 -1.36
C GLN A 181 -15.72 -10.41 -0.26
N SER A 182 -17.02 -10.63 -0.02
CA SER A 182 -17.45 -11.60 0.96
C SER A 182 -17.06 -13.03 0.57
N SER A 183 -16.90 -13.28 -0.72
CA SER A 183 -16.46 -14.59 -1.17
C SER A 183 -15.01 -14.87 -0.83
N GLY A 184 -14.26 -13.88 -0.34
CA GLY A 184 -12.82 -14.01 -0.14
C GLY A 184 -11.99 -13.77 -1.38
N LEU A 185 -12.61 -13.42 -2.50
CA LEU A 185 -11.93 -13.10 -3.75
C LEU A 185 -11.82 -11.59 -3.91
N TYR A 186 -10.80 -11.17 -4.65
CA TYR A 186 -10.54 -9.76 -4.91
C TYR A 186 -11.03 -9.38 -6.30
N SER A 187 -11.37 -8.09 -6.46
CA SER A 187 -11.59 -7.48 -7.76
C SER A 187 -10.99 -6.08 -7.77
N LEU A 188 -10.44 -5.68 -8.90
CA LEU A 188 -10.00 -4.29 -9.03
C LEU A 188 -10.32 -3.80 -10.43
N SER A 189 -10.16 -2.49 -10.62
CA SER A 189 -10.34 -1.88 -11.93
C SER A 189 -9.21 -0.92 -12.22
N SER A 190 -8.90 -0.78 -13.51
CA SER A 190 -7.96 0.22 -14.00
C SER A 190 -8.65 0.98 -15.11
N VAL A 191 -8.52 2.30 -15.12
CA VAL A 191 -9.04 3.11 -16.22
C VAL A 191 -7.91 3.96 -16.77
N VAL A 192 -8.02 4.30 -18.04
CA VAL A 192 -7.13 5.26 -18.69
C VAL A 192 -7.99 6.32 -19.37
N THR A 193 -7.63 7.58 -19.19
CA THR A 193 -8.33 8.68 -19.83
C THR A 193 -7.65 8.99 -21.15
N VAL A 194 -8.44 9.07 -22.22
CA VAL A 194 -7.89 9.19 -23.57
C VAL A 194 -8.70 10.23 -24.35
N PRO A 195 -8.17 10.70 -25.48
CA PRO A 195 -8.96 11.56 -26.37
C PRO A 195 -10.26 10.88 -26.83
N SER A 196 -11.37 11.63 -26.75
CA SER A 196 -12.67 11.11 -27.18
C SER A 196 -12.70 10.82 -28.68
N SER A 197 -12.00 11.61 -29.47
CA SER A 197 -11.97 11.36 -30.90
C SER A 197 -11.12 10.14 -31.26
N SER A 198 -10.33 9.62 -30.32
CA SER A 198 -9.46 8.48 -30.60
C SER A 198 -10.18 7.14 -30.45
N LEU A 199 -11.42 7.15 -29.97
CA LEU A 199 -12.05 5.93 -29.49
C LEU A 199 -12.26 4.91 -30.62
N GLY A 200 -12.75 5.35 -31.76
CA GLY A 200 -13.01 4.41 -32.82
C GLY A 200 -11.80 4.00 -33.65
N THR A 201 -10.65 4.62 -33.45
CA THR A 201 -9.51 4.40 -34.32
C THR A 201 -8.22 4.02 -33.61
N GLN A 202 -8.07 4.30 -32.32
CA GLN A 202 -6.87 3.93 -31.59
C GLN A 202 -7.11 2.63 -30.83
N THR A 203 -6.08 1.79 -30.75
CA THR A 203 -6.15 0.52 -30.07
C THR A 203 -5.79 0.69 -28.61
N TYR A 204 -6.65 0.20 -27.70
CA TYR A 204 -6.36 0.23 -26.28
C TYR A 204 -6.44 -1.19 -25.72
N ILE A 205 -5.39 -1.58 -24.99
CA ILE A 205 -5.24 -2.92 -24.44
C ILE A 205 -4.75 -2.76 -23.00
N CYS A 206 -5.42 -3.41 -22.05
CA CYS A 206 -4.88 -3.44 -20.68
C CYS A 206 -4.09 -4.74 -20.49
N ASN A 207 -2.89 -4.63 -19.96
CA ASN A 207 -2.04 -5.79 -19.70
C ASN A 207 -2.14 -6.14 -18.21
N VAL A 208 -2.77 -7.27 -17.91
CA VAL A 208 -3.01 -7.69 -16.53
C VAL A 208 -2.03 -8.81 -16.17
N ASN A 209 -1.31 -8.63 -15.07
CA ASN A 209 -0.34 -9.62 -14.60
C ASN A 209 -0.72 -10.09 -13.20
N HIS A 210 -0.97 -11.40 -13.08
CA HIS A 210 -1.26 -12.05 -11.79
C HIS A 210 -0.24 -13.14 -11.57
N LYS A 211 0.93 -12.74 -11.06
CA LYS A 211 2.01 -13.70 -10.85
C LYS A 211 1.64 -14.85 -9.93
N PRO A 212 0.85 -14.68 -8.86
CA PRO A 212 0.48 -15.84 -8.03
C PRO A 212 -0.15 -16.98 -8.82
N SER A 213 -0.84 -16.69 -9.93
CA SER A 213 -1.41 -17.74 -10.76
C SER A 213 -0.66 -17.98 -12.05
N ASN A 214 0.52 -17.37 -12.23
CA ASN A 214 1.29 -17.46 -13.48
C ASN A 214 0.46 -17.03 -14.70
N THR A 215 -0.37 -16.00 -14.55
CA THR A 215 -1.33 -15.59 -15.58
C THR A 215 -1.04 -14.16 -16.03
N LYS A 216 -1.03 -13.93 -17.34
CA LYS A 216 -1.08 -12.59 -17.91
C LYS A 216 -2.18 -12.53 -18.95
N VAL A 217 -2.95 -11.44 -18.94
CA VAL A 217 -4.04 -11.23 -19.89
C VAL A 217 -3.85 -9.89 -20.58
N ASP A 218 -3.96 -9.88 -21.90
CA ASP A 218 -4.01 -8.63 -22.68
C ASP A 218 -5.42 -8.50 -23.22
N LYS A 219 -6.20 -7.58 -22.65
CA LYS A 219 -7.62 -7.44 -23.00
C LYS A 219 -7.80 -6.20 -23.87
N ARG A 220 -8.21 -6.42 -25.11
CA ARG A 220 -8.52 -5.31 -26.01
C ARG A 220 -9.84 -4.67 -25.61
N VAL A 221 -9.85 -3.35 -25.50
CA VAL A 221 -11.05 -2.61 -25.09
C VAL A 221 -11.53 -1.85 -26.31
N GLU A 222 -12.65 -2.30 -26.91
CA GLU A 222 -13.32 -1.85 -28.11
C GLU A 222 -14.45 -0.89 -27.78
N PRO A 223 -14.72 0.07 -28.66
CA PRO A 223 -15.87 0.97 -28.43
C PRO A 223 -17.16 0.16 -28.36
N LYS A 224 -18.10 0.66 -27.55
CA LYS A 224 -19.40 0.00 -27.45
C LYS A 224 -20.11 0.01 -28.80
N SER A 225 -20.61 -1.16 -29.21
CA SER A 225 -21.08 -1.36 -30.57
C SER A 225 -22.60 -1.44 -30.63
N CYS A 226 -23.20 -2.55 -30.20
CA CYS A 226 -24.63 -2.82 -30.40
C CYS A 226 -24.97 -2.91 -31.89
N TYR B 2 7.88 -3.03 25.47
CA TYR B 2 8.32 -1.64 25.40
C TYR B 2 7.52 -0.88 24.34
N GLU B 3 6.87 0.20 24.76
CA GLU B 3 6.08 1.05 23.87
C GLU B 3 6.78 2.39 23.73
N LEU B 4 6.86 2.88 22.50
CA LEU B 4 7.23 4.27 22.25
C LEU B 4 5.93 5.00 21.88
N THR B 5 5.44 5.84 22.79
CA THR B 5 4.11 6.43 22.64
C THR B 5 4.18 7.64 21.73
N GLN B 6 3.32 7.65 20.70
CA GLN B 6 3.21 8.80 19.81
C GLN B 6 1.76 9.27 19.74
N PRO B 7 1.54 10.56 19.48
CA PRO B 7 0.18 11.03 19.20
C PRO B 7 -0.33 10.43 17.90
N PRO B 8 -1.57 9.94 17.87
CA PRO B 8 -2.06 9.33 16.62
C PRO B 8 -2.13 10.31 15.47
N SER B 9 -2.33 11.61 15.73
CA SER B 9 -2.54 12.57 14.66
C SER B 9 -1.90 13.89 15.04
N VAL B 10 -1.23 14.54 14.09
CA VAL B 10 -0.85 15.94 14.24
C VAL B 10 -1.20 16.66 12.95
N SER B 11 -1.87 17.80 13.07
CA SER B 11 -2.20 18.65 11.93
C SER B 11 -1.33 19.91 11.96
N VAL B 12 -1.03 20.43 10.78
CA VAL B 12 -0.20 21.62 10.67
C VAL B 12 -0.65 22.42 9.46
N SER B 13 -0.66 23.76 9.59
CA SER B 13 -0.98 24.62 8.47
C SER B 13 0.27 24.80 7.58
N PRO B 14 0.09 24.98 6.27
CA PRO B 14 1.24 25.09 5.38
C PRO B 14 2.17 26.21 5.83
N GLY B 15 3.47 25.92 5.80
CA GLY B 15 4.46 26.86 6.27
C GLY B 15 4.67 26.88 7.78
N GLN B 16 3.82 26.25 8.55
CA GLN B 16 4.00 26.20 10.00
C GLN B 16 4.89 25.02 10.39
N THR B 17 5.23 24.98 11.68
CA THR B 17 6.13 23.96 12.22
C THR B 17 5.32 22.85 12.88
N ALA B 18 5.53 21.62 12.43
CA ALA B 18 4.85 20.46 12.99
C ALA B 18 5.81 19.69 13.89
N ARG B 19 5.30 19.25 15.04
CA ARG B 19 6.11 18.55 16.03
C ARG B 19 5.46 17.22 16.38
N ILE B 20 6.25 16.16 16.35
CA ILE B 20 5.77 14.82 16.63
C ILE B 20 6.61 14.25 17.76
N THR B 21 5.98 13.89 18.86
CA THR B 21 6.73 13.42 20.01
C THR B 21 6.70 11.90 20.09
N CYS B 22 7.60 11.38 20.92
CA CYS B 22 7.85 9.95 21.05
C CYS B 22 8.39 9.74 22.46
N SER B 23 7.60 9.10 23.31
CA SER B 23 7.93 8.94 24.73
C SER B 23 8.23 7.49 25.03
N GLY B 24 9.35 7.26 25.71
CA GLY B 24 9.74 5.92 26.11
C GLY B 24 10.66 5.98 27.31
N ASP B 25 10.55 4.95 28.15
CA ASP B 25 11.24 4.95 29.44
C ASP B 25 12.75 4.92 29.31
N VAL B 26 13.30 4.34 28.24
CA VAL B 26 14.76 4.22 28.19
C VAL B 26 15.38 5.13 27.15
N LEU B 27 14.59 6.05 26.56
CA LEU B 27 15.17 7.07 25.70
C LEU B 27 16.30 7.87 26.36
N PRO B 28 16.31 8.08 27.69
CA PRO B 28 17.49 8.74 28.28
C PRO B 28 18.82 8.03 27.98
N LYS B 29 18.82 6.72 27.75
CA LYS B 29 20.05 5.99 27.51
C LYS B 29 20.22 5.54 26.07
N LYS B 30 19.18 5.60 25.25
CA LYS B 30 19.21 5.04 23.90
C LYS B 30 18.82 6.09 22.88
N TYR B 31 19.34 5.91 21.67
CA TYR B 31 19.09 6.82 20.57
C TYR B 31 17.74 6.57 19.93
N ALA B 32 17.13 7.65 19.44
CA ALA B 32 15.86 7.60 18.71
C ALA B 32 16.12 7.78 17.22
N TYR B 33 15.34 7.07 16.40
CA TYR B 33 15.39 7.17 14.95
C TYR B 33 13.98 7.46 14.45
N TRP B 34 13.87 8.16 13.33
CA TRP B 34 12.56 8.54 12.80
C TRP B 34 12.40 8.08 11.36
N TYR B 35 11.26 7.47 11.05
CA TYR B 35 10.96 6.95 9.73
C TYR B 35 9.69 7.61 9.20
N GLN B 36 9.74 8.01 7.92
CA GLN B 36 8.59 8.52 7.20
C GLN B 36 8.10 7.46 6.23
N GLN B 37 6.80 7.13 6.28
CA GLN B 37 6.23 6.19 5.32
C GLN B 37 5.05 6.84 4.62
N LYS B 38 5.20 7.07 3.33
CA LYS B 38 4.14 7.66 2.51
C LYS B 38 3.41 6.55 1.76
N SER B 39 2.23 6.90 1.25
CA SER B 39 1.28 5.92 0.76
C SER B 39 1.93 4.91 -0.18
N GLY B 40 1.90 3.64 0.23
CA GLY B 40 2.30 2.56 -0.63
C GLY B 40 3.79 2.38 -0.85
N LEU B 41 4.63 2.92 0.05
CA LEU B 41 6.08 2.85 -0.13
C LEU B 41 6.73 2.31 1.13
N ALA B 42 7.98 1.86 0.95
CA ALA B 42 8.81 1.47 2.08
C ALA B 42 9.11 2.70 2.94
N PRO B 43 9.34 2.52 4.25
CA PRO B 43 9.72 3.66 5.09
C PRO B 43 11.05 4.27 4.67
N VAL B 44 11.20 5.56 4.98
CA VAL B 44 12.40 6.33 4.69
C VAL B 44 12.96 6.89 6.00
N LEU B 45 14.26 6.71 6.21
CA LEU B 45 14.92 7.23 7.41
C LEU B 45 15.12 8.73 7.27
N VAL B 46 14.56 9.51 8.21
CA VAL B 46 14.63 10.97 8.12
C VAL B 46 15.51 11.60 9.21
N ILE B 47 15.63 10.99 10.40
CA ILE B 47 16.49 11.48 11.47
C ILE B 47 17.07 10.26 12.16
N TYR B 48 18.36 10.30 12.51
CA TYR B 48 18.99 9.19 13.23
C TYR B 48 19.82 9.73 14.40
N GLU B 49 20.02 8.86 15.39
CA GLU B 49 20.78 9.19 16.60
C GLU B 49 20.31 10.51 17.23
N ASP B 50 18.99 10.58 17.45
CA ASP B 50 18.29 11.69 18.10
C ASP B 50 18.14 12.93 17.21
N ASN B 51 19.22 13.36 16.55
CA ASN B 51 19.21 14.68 15.94
C ASN B 51 20.07 14.79 14.68
N ARG B 52 20.55 13.70 14.10
CA ARG B 52 21.34 13.76 12.90
C ARG B 52 20.47 13.45 11.67
N ARG B 53 20.81 14.09 10.55
CA ARG B 53 20.01 14.01 9.34
C ARG B 53 20.77 13.30 8.23
N PRO B 54 20.21 12.25 7.62
CA PRO B 54 20.90 11.59 6.50
C PRO B 54 21.02 12.51 5.30
N SER B 55 22.00 12.19 4.44
CA SER B 55 22.15 12.94 3.20
C SER B 55 20.89 12.79 2.36
N GLY B 56 20.55 13.85 1.64
CA GLY B 56 19.37 13.82 0.81
C GLY B 56 18.07 14.09 1.52
N ILE B 57 18.07 14.16 2.84
CA ILE B 57 16.86 14.52 3.58
C ILE B 57 16.82 16.04 3.70
N PRO B 58 15.69 16.69 3.41
CA PRO B 58 15.63 18.16 3.46
C PRO B 58 15.97 18.72 4.84
N GLU B 59 16.53 19.93 4.82
CA GLU B 59 16.99 20.58 6.04
C GLU B 59 15.84 20.92 6.98
N ARG B 60 14.60 20.96 6.49
CA ARG B 60 13.49 21.32 7.35
C ARG B 60 13.09 20.21 8.31
N PHE B 61 13.67 19.02 8.18
CA PHE B 61 13.52 17.96 9.16
C PHE B 61 14.61 18.08 10.22
N SER B 62 14.23 18.16 11.49
CA SER B 62 15.20 18.12 12.57
C SER B 62 14.63 17.29 13.70
N GLY B 63 15.51 16.84 14.58
CA GLY B 63 15.08 16.07 15.74
C GLY B 63 15.86 16.50 16.96
N SER B 64 15.27 16.22 18.12
CA SER B 64 15.96 16.39 19.39
C SER B 64 15.41 15.38 20.37
N SER B 65 16.13 15.17 21.46
CA SER B 65 15.67 14.24 22.48
C SER B 65 16.20 14.68 23.84
N SER B 66 15.32 14.68 24.84
CA SER B 66 15.71 15.07 26.18
C SER B 66 14.87 14.27 27.15
N GLY B 67 15.52 13.65 28.13
CA GLY B 67 14.79 12.81 29.06
C GLY B 67 14.14 11.64 28.34
N THR B 68 12.87 11.39 28.66
CA THR B 68 12.12 10.29 28.09
C THR B 68 11.29 10.67 26.87
N MET B 69 11.61 11.79 26.21
CA MET B 69 10.85 12.20 25.05
C MET B 69 11.79 12.64 23.94
N ALA B 70 11.57 12.09 22.75
CA ALA B 70 12.22 12.54 21.53
C ALA B 70 11.18 13.26 20.69
N THR B 71 11.62 14.23 19.89
CA THR B 71 10.71 15.04 19.09
C THR B 71 11.24 15.18 17.67
N LEU B 72 10.38 14.92 16.69
CA LEU B 72 10.69 15.18 15.30
C LEU B 72 10.04 16.50 14.90
N THR B 73 10.82 17.39 14.30
CA THR B 73 10.30 18.70 13.92
C THR B 73 10.35 18.86 12.40
N ILE B 74 9.22 19.23 11.82
CA ILE B 74 9.13 19.55 10.40
C ILE B 74 8.83 21.04 10.30
N SER B 75 9.86 21.82 9.97
CA SER B 75 9.73 23.26 9.81
C SER B 75 9.20 23.59 8.42
N GLY B 76 8.34 24.60 8.35
CA GLY B 76 7.74 24.97 7.08
C GLY B 76 7.15 23.77 6.35
N ALA B 77 6.19 23.11 7.00
CA ALA B 77 5.66 21.87 6.47
C ALA B 77 4.98 22.13 5.12
N GLN B 78 5.12 21.16 4.22
CA GLN B 78 4.49 21.21 2.90
C GLN B 78 3.62 19.96 2.70
N VAL B 79 2.76 20.03 1.67
CA VAL B 79 1.86 18.92 1.38
C VAL B 79 2.63 17.62 1.21
N GLU B 80 3.80 17.68 0.60
CA GLU B 80 4.57 16.45 0.39
C GLU B 80 5.03 15.81 1.71
N ASP B 81 4.87 16.49 2.85
CA ASP B 81 5.27 15.96 4.15
C ASP B 81 4.17 15.14 4.82
N GLU B 82 2.98 15.06 4.23
CA GLU B 82 1.96 14.18 4.78
C GLU B 82 2.40 12.73 4.73
N GLY B 83 2.09 12.00 5.77
CA GLY B 83 2.39 10.59 5.80
C GLY B 83 2.29 10.08 7.23
N ASP B 84 2.71 8.85 7.39
CA ASP B 84 2.80 8.24 8.71
C ASP B 84 4.26 8.29 9.17
N TYR B 85 4.49 8.76 10.39
CA TYR B 85 5.82 8.88 10.96
C TYR B 85 5.96 7.97 12.16
N TYR B 86 7.04 7.18 12.19
CA TYR B 86 7.31 6.26 13.28
C TYR B 86 8.67 6.57 13.87
N CYS B 87 8.74 6.69 15.20
CA CYS B 87 10.04 6.67 15.84
C CYS B 87 10.46 5.22 16.09
N SER B 88 11.72 5.06 16.49
CA SER B 88 12.28 3.74 16.72
C SER B 88 13.41 3.86 17.74
N SER B 89 13.58 2.83 18.55
CA SER B 89 14.66 2.79 19.54
C SER B 89 14.72 1.37 20.09
N THR B 90 15.77 1.07 20.85
CA THR B 90 15.85 -0.25 21.44
C THR B 90 15.23 -0.25 22.84
N ASP B 91 14.89 -1.45 23.30
CA ASP B 91 14.51 -1.61 24.70
C ASP B 91 15.76 -1.54 25.59
N SER B 92 15.56 -1.74 26.89
CA SER B 92 16.66 -1.56 27.85
C SER B 92 17.83 -2.48 27.52
N SER B 93 17.55 -3.73 27.14
CA SER B 93 18.61 -4.69 26.83
C SER B 93 19.44 -4.24 25.63
N GLY B 94 18.84 -3.49 24.71
CA GLY B 94 19.51 -3.16 23.48
C GLY B 94 19.49 -4.25 22.43
N ASP B 95 18.92 -5.42 22.72
CA ASP B 95 18.86 -6.51 21.75
C ASP B 95 17.72 -6.37 20.77
N HIS B 96 16.70 -5.57 21.08
CA HIS B 96 15.51 -5.49 20.25
C HIS B 96 15.18 -4.03 20.00
N TYR B 97 14.78 -3.72 18.77
CA TYR B 97 14.18 -2.43 18.45
C TYR B 97 12.66 -2.55 18.51
N VAL B 98 12.01 -1.40 18.70
CA VAL B 98 10.58 -1.29 18.49
C VAL B 98 10.32 -0.03 17.69
N PHE B 99 9.24 -0.05 16.93
CA PHE B 99 8.70 1.16 16.34
C PHE B 99 7.64 1.76 17.24
N GLY B 100 7.52 3.08 17.21
CA GLY B 100 6.50 3.76 17.99
C GLY B 100 5.11 3.51 17.42
N THR B 101 4.11 3.97 18.18
CA THR B 101 2.71 3.71 17.81
C THR B 101 2.32 4.41 16.50
N GLY B 102 3.12 5.38 16.04
CA GLY B 102 2.92 5.97 14.73
C GLY B 102 2.05 7.22 14.75
N THR B 103 2.39 8.22 13.92
CA THR B 103 1.67 9.48 13.84
C THR B 103 1.31 9.77 12.40
N LYS B 104 0.04 10.05 12.13
CA LYS B 104 -0.35 10.51 10.80
C LYS B 104 -0.30 12.04 10.77
N VAL B 105 0.49 12.58 9.85
CA VAL B 105 0.62 14.02 9.69
C VAL B 105 -0.32 14.47 8.59
N THR B 106 -1.21 15.40 8.93
CA THR B 106 -2.11 16.04 7.98
C THR B 106 -1.69 17.49 7.80
N VAL B 107 -1.62 17.93 6.55
CA VAL B 107 -1.37 19.34 6.24
C VAL B 107 -2.70 20.00 5.90
N LEU B 108 -3.07 21.01 6.68
CA LEU B 108 -4.36 21.69 6.51
C LEU B 108 -4.35 22.62 5.30
N GLY B 109 -5.52 23.18 5.01
CA GLY B 109 -5.68 24.14 3.93
C GLY B 109 -5.64 23.59 2.52
N GLN B 110 -5.76 22.29 2.33
CA GLN B 110 -5.72 21.78 0.97
C GLN B 110 -7.05 22.02 0.25
N PRO B 111 -7.03 22.23 -1.06
CA PRO B 111 -8.27 22.57 -1.79
C PRO B 111 -9.28 21.42 -1.79
N LYS B 112 -10.53 21.75 -1.47
CA LYS B 112 -11.62 20.80 -1.63
C LYS B 112 -11.74 20.39 -3.10
N ALA B 113 -12.07 19.12 -3.33
CA ALA B 113 -12.20 18.60 -4.69
C ALA B 113 -13.42 17.70 -4.75
N ASN B 114 -14.35 18.03 -5.65
CA ASN B 114 -15.56 17.23 -5.77
C ASN B 114 -15.24 15.93 -6.50
N PRO B 115 -15.87 14.82 -6.12
CA PRO B 115 -15.49 13.53 -6.70
C PRO B 115 -15.89 13.43 -8.17
N SER B 116 -14.99 12.85 -8.96
CA SER B 116 -15.33 12.33 -10.28
C SER B 116 -15.90 10.93 -10.14
N VAL B 117 -17.06 10.68 -10.74
CA VAL B 117 -17.73 9.39 -10.63
C VAL B 117 -17.85 8.79 -12.03
N THR B 118 -17.28 7.60 -12.21
CA THR B 118 -17.36 6.89 -13.49
C THR B 118 -18.04 5.55 -13.24
N LEU B 119 -19.18 5.35 -13.89
CA LEU B 119 -20.01 4.18 -13.68
C LEU B 119 -20.08 3.37 -14.98
N PHE B 120 -19.71 2.09 -14.91
CA PHE B 120 -19.75 1.20 -16.07
C PHE B 120 -20.81 0.12 -15.87
N PRO B 121 -21.65 -0.14 -16.87
CA PRO B 121 -22.58 -1.27 -16.78
C PRO B 121 -21.84 -2.58 -17.01
N PRO B 122 -22.47 -3.73 -16.80
CA PRO B 122 -21.82 -5.00 -17.18
C PRO B 122 -21.48 -4.99 -18.67
N SER B 123 -20.28 -5.43 -19.00
CA SER B 123 -19.90 -5.56 -20.39
C SER B 123 -20.69 -6.69 -21.04
N SER B 124 -20.90 -6.60 -22.37
CA SER B 124 -21.58 -7.70 -23.04
C SER B 124 -20.78 -8.99 -22.91
N GLU B 125 -19.44 -8.87 -22.85
CA GLU B 125 -18.59 -10.03 -22.65
C GLU B 125 -18.90 -10.73 -21.32
N GLU B 126 -19.08 -9.96 -20.23
CA GLU B 126 -19.41 -10.56 -18.95
C GLU B 126 -20.81 -11.17 -18.96
N LEU B 127 -21.76 -10.47 -19.58
CA LEU B 127 -23.13 -10.99 -19.65
C LEU B 127 -23.18 -12.28 -20.44
N GLN B 128 -22.45 -12.34 -21.56
CA GLN B 128 -22.35 -13.57 -22.32
C GLN B 128 -21.65 -14.67 -21.51
N ALA B 129 -20.89 -14.33 -20.48
CA ALA B 129 -20.36 -15.33 -19.57
C ALA B 129 -21.29 -15.60 -18.40
N ASN B 130 -22.55 -15.15 -18.47
CA ASN B 130 -23.58 -15.46 -17.48
C ASN B 130 -23.31 -14.79 -16.13
N LYS B 131 -22.64 -13.64 -16.15
CA LYS B 131 -22.37 -12.86 -14.95
C LYS B 131 -22.68 -11.40 -15.24
N ALA B 132 -22.70 -10.57 -14.20
CA ALA B 132 -22.92 -9.14 -14.37
C ALA B 132 -22.37 -8.40 -13.16
N THR B 133 -21.55 -7.39 -13.41
CA THR B 133 -20.99 -6.53 -12.38
C THR B 133 -21.11 -5.07 -12.80
N LEU B 134 -21.66 -4.24 -11.92
CA LEU B 134 -21.64 -2.80 -12.11
C LEU B 134 -20.42 -2.23 -11.37
N VAL B 135 -19.73 -1.28 -11.99
CA VAL B 135 -18.46 -0.78 -11.47
C VAL B 135 -18.57 0.73 -11.33
N CYS B 136 -18.46 1.23 -10.09
CA CYS B 136 -18.57 2.65 -9.79
C CYS B 136 -17.23 3.13 -9.24
N LEU B 137 -16.53 3.96 -10.01
CA LEU B 137 -15.16 4.37 -9.68
C LEU B 137 -15.17 5.84 -9.29
N ILE B 138 -14.61 6.15 -8.13
CA ILE B 138 -14.67 7.48 -7.53
C ILE B 138 -13.24 7.99 -7.37
N SER B 139 -12.91 9.09 -8.04
CA SER B 139 -11.53 9.53 -8.00
C SER B 139 -11.42 11.03 -7.74
N ASP B 140 -10.22 11.44 -7.33
CA ASP B 140 -9.86 12.86 -7.25
C ASP B 140 -10.78 13.65 -6.31
N PHE B 141 -11.09 13.10 -5.15
CA PHE B 141 -11.82 13.88 -4.17
C PHE B 141 -10.97 14.24 -2.96
N TYR B 142 -11.36 15.33 -2.31
CA TYR B 142 -10.70 15.79 -1.10
C TYR B 142 -11.68 16.65 -0.33
N PRO B 143 -11.80 16.49 0.99
CA PRO B 143 -11.19 15.51 1.90
C PRO B 143 -11.53 14.05 1.56
N GLY B 144 -10.87 13.09 2.23
CA GLY B 144 -10.99 11.69 1.86
C GLY B 144 -12.08 10.88 2.52
N ALA B 145 -13.30 11.39 2.56
CA ALA B 145 -14.44 10.62 3.05
C ALA B 145 -15.59 10.74 2.07
N VAL B 146 -16.17 9.60 1.68
CA VAL B 146 -17.36 9.55 0.84
C VAL B 146 -18.28 8.45 1.35
N THR B 147 -19.55 8.59 0.99
CA THR B 147 -20.53 7.54 1.20
C THR B 147 -21.07 7.14 -0.17
N VAL B 148 -21.22 5.84 -0.40
CA VAL B 148 -21.69 5.35 -1.70
C VAL B 148 -22.96 4.56 -1.47
N ALA B 149 -24.00 4.88 -2.23
CA ALA B 149 -25.27 4.16 -2.15
C ALA B 149 -25.68 3.70 -3.55
N TRP B 150 -26.35 2.55 -3.63
CA TRP B 150 -26.83 2.03 -4.89
C TRP B 150 -28.35 2.00 -4.93
N LYS B 151 -28.89 2.19 -6.15
CA LYS B 151 -30.32 2.11 -6.40
C LYS B 151 -30.59 1.20 -7.59
N ALA B 152 -31.71 0.48 -7.52
CA ALA B 152 -32.27 -0.24 -8.66
C ALA B 152 -33.64 0.37 -8.94
N ASP B 153 -33.83 0.87 -10.16
CA ASP B 153 -34.93 1.77 -10.45
C ASP B 153 -34.88 2.87 -9.40
N SER B 154 -35.92 2.95 -8.54
CA SER B 154 -36.02 4.00 -7.54
C SER B 154 -36.04 3.41 -6.13
N SER B 155 -35.42 2.26 -5.95
CA SER B 155 -35.37 1.52 -4.70
C SER B 155 -33.92 1.29 -4.26
N PRO B 156 -33.62 1.43 -2.98
CA PRO B 156 -32.25 1.18 -2.51
C PRO B 156 -31.89 -0.29 -2.68
N VAL B 157 -30.59 -0.53 -2.90
CA VAL B 157 -30.04 -1.88 -3.00
C VAL B 157 -28.82 -1.96 -2.10
N LYS B 158 -28.79 -3.00 -1.27
CA LYS B 158 -27.58 -3.32 -0.51
C LYS B 158 -27.03 -4.67 -0.86
N ALA B 159 -27.86 -5.64 -1.26
CA ALA B 159 -27.36 -6.96 -1.59
C ALA B 159 -26.44 -6.89 -2.79
N GLY B 160 -25.30 -7.57 -2.69
CA GLY B 160 -24.35 -7.62 -3.78
C GLY B 160 -23.38 -6.45 -3.85
N VAL B 161 -23.42 -5.51 -2.89
CA VAL B 161 -22.58 -4.31 -2.92
C VAL B 161 -21.30 -4.56 -2.12
N GLU B 162 -20.16 -4.20 -2.70
CA GLU B 162 -18.86 -4.27 -2.03
C GLU B 162 -18.11 -2.97 -2.31
N THR B 163 -17.72 -2.25 -1.26
CA THR B 163 -17.13 -0.91 -1.41
C THR B 163 -15.77 -0.85 -0.71
N THR B 164 -14.79 -0.18 -1.30
CA THR B 164 -13.51 -0.05 -0.62
C THR B 164 -13.50 1.16 0.29
N THR B 165 -12.51 1.19 1.18
CA THR B 165 -12.19 2.40 1.91
C THR B 165 -11.46 3.36 0.97
N PRO B 166 -11.49 4.66 1.26
CA PRO B 166 -10.77 5.60 0.40
C PRO B 166 -9.27 5.50 0.62
N SER B 167 -8.51 5.75 -0.44
CA SER B 167 -7.06 5.65 -0.36
C SER B 167 -6.42 6.83 -1.06
N LYS B 168 -5.32 7.32 -0.48
CA LYS B 168 -4.70 8.53 -0.98
C LYS B 168 -4.00 8.25 -2.30
N GLN B 169 -4.34 9.03 -3.34
CA GLN B 169 -3.64 8.96 -4.61
C GLN B 169 -2.28 9.64 -4.50
N SER B 170 -1.53 9.60 -5.61
CA SER B 170 -0.25 10.28 -5.65
C SER B 170 -0.41 11.79 -5.53
N ASN B 171 -1.43 12.36 -6.19
CA ASN B 171 -1.63 13.81 -6.17
C ASN B 171 -2.29 14.30 -4.89
N ASN B 172 -2.28 13.48 -3.84
CA ASN B 172 -2.78 13.75 -2.49
C ASN B 172 -4.30 13.85 -2.39
N LYS B 173 -5.04 13.62 -3.48
CA LYS B 173 -6.48 13.46 -3.39
C LYS B 173 -6.77 11.99 -3.09
N TYR B 174 -8.04 11.57 -3.12
CA TYR B 174 -8.40 10.22 -2.72
C TYR B 174 -9.21 9.54 -3.81
N ALA B 175 -9.23 8.22 -3.75
CA ALA B 175 -10.00 7.41 -4.69
C ALA B 175 -10.71 6.31 -3.93
N ALA B 176 -11.79 5.80 -4.53
CA ALA B 176 -12.46 4.63 -3.97
C ALA B 176 -13.27 3.98 -5.08
N SER B 177 -13.77 2.78 -4.80
CA SER B 177 -14.56 2.06 -5.79
C SER B 177 -15.62 1.22 -5.09
N SER B 178 -16.72 1.00 -5.79
CA SER B 178 -17.80 0.18 -5.27
C SER B 178 -18.30 -0.70 -6.40
N TYR B 179 -18.65 -1.95 -6.08
CA TYR B 179 -19.05 -2.95 -7.06
C TYR B 179 -20.42 -3.50 -6.68
N LEU B 180 -21.31 -3.63 -7.66
CA LEU B 180 -22.62 -4.25 -7.45
C LEU B 180 -22.69 -5.50 -8.32
N SER B 181 -22.75 -6.67 -7.70
CA SER B 181 -22.77 -7.94 -8.42
C SER B 181 -24.21 -8.39 -8.57
N LEU B 182 -24.61 -8.70 -9.80
CA LEU B 182 -25.97 -9.08 -10.15
C LEU B 182 -25.94 -10.32 -11.01
N THR B 183 -27.07 -11.03 -11.06
CA THR B 183 -27.22 -11.99 -12.15
C THR B 183 -27.62 -11.25 -13.41
N PRO B 184 -27.38 -11.84 -14.59
CA PRO B 184 -27.86 -11.18 -15.82
C PRO B 184 -29.36 -10.96 -15.80
N GLU B 185 -30.12 -11.84 -15.16
CA GLU B 185 -31.58 -11.68 -15.09
C GLU B 185 -31.96 -10.45 -14.28
N GLN B 186 -31.37 -10.28 -13.10
CA GLN B 186 -31.54 -9.05 -12.32
C GLN B 186 -31.21 -7.80 -13.14
N TRP B 187 -30.08 -7.83 -13.87
CA TRP B 187 -29.65 -6.68 -14.65
C TRP B 187 -30.72 -6.27 -15.65
N LYS B 188 -31.24 -7.22 -16.42
CA LYS B 188 -32.21 -6.92 -17.46
C LYS B 188 -33.61 -6.60 -16.93
N SER B 189 -33.87 -6.86 -15.66
CA SER B 189 -35.23 -6.73 -15.13
C SER B 189 -35.45 -5.40 -14.40
N HIS B 190 -34.57 -4.42 -14.60
CA HIS B 190 -34.79 -3.09 -14.06
C HIS B 190 -34.54 -2.05 -15.14
N ARG B 191 -35.28 -0.94 -15.06
CA ARG B 191 -35.11 0.14 -16.02
C ARG B 191 -33.72 0.74 -15.91
N SER B 192 -33.19 0.85 -14.70
CA SER B 192 -31.86 1.42 -14.55
C SER B 192 -31.33 1.05 -13.18
N TYR B 193 -30.03 1.31 -13.01
CA TYR B 193 -29.33 1.21 -11.74
C TYR B 193 -28.56 2.51 -11.57
N SER B 194 -28.40 2.97 -10.33
CA SER B 194 -27.66 4.20 -10.06
C SER B 194 -26.61 3.99 -8.98
N CYS B 195 -25.47 4.68 -9.12
CA CYS B 195 -24.47 4.79 -8.06
C CYS B 195 -24.47 6.24 -7.55
N GLN B 196 -24.75 6.43 -6.26
CA GLN B 196 -24.89 7.76 -5.65
C GLN B 196 -23.72 7.99 -4.70
N VAL B 197 -22.89 8.98 -5.00
CA VAL B 197 -21.70 9.29 -4.20
C VAL B 197 -21.91 10.63 -3.48
N THR B 198 -21.89 10.61 -2.15
CA THR B 198 -22.08 11.81 -1.35
C THR B 198 -20.76 12.20 -0.70
N HIS B 199 -20.40 13.48 -0.85
CA HIS B 199 -19.11 13.99 -0.40
C HIS B 199 -19.32 15.42 0.08
N GLU B 200 -18.98 15.70 1.33
CA GLU B 200 -19.14 17.03 1.92
C GLU B 200 -20.53 17.59 1.63
N GLY B 201 -21.54 16.77 1.86
CA GLY B 201 -22.92 17.24 1.77
C GLY B 201 -23.50 17.34 0.38
N SER B 202 -22.73 17.05 -0.67
CA SER B 202 -23.27 17.07 -2.02
C SER B 202 -23.16 15.69 -2.67
N THR B 203 -24.05 15.40 -3.60
CA THR B 203 -24.17 14.05 -4.16
C THR B 203 -24.03 14.10 -5.68
N VAL B 204 -23.16 13.25 -6.21
CA VAL B 204 -23.06 13.00 -7.65
C VAL B 204 -23.63 11.62 -7.90
N GLU B 205 -24.66 11.53 -8.76
CA GLU B 205 -25.29 10.25 -9.08
C GLU B 205 -25.12 9.94 -10.57
N LYS B 206 -24.61 8.75 -10.88
CA LYS B 206 -24.53 8.27 -12.25
C LYS B 206 -25.49 7.10 -12.41
N THR B 207 -26.11 6.99 -13.60
CA THR B 207 -27.09 5.94 -13.88
C THR B 207 -26.68 5.19 -15.14
N VAL B 208 -27.05 3.90 -15.21
CA VAL B 208 -26.89 3.07 -16.40
C VAL B 208 -28.15 2.26 -16.57
N ALA B 209 -28.39 1.82 -17.81
CA ALA B 209 -29.61 1.10 -18.16
C ALA B 209 -29.25 -0.09 -19.05
N PRO B 210 -29.98 -1.21 -18.91
CA PRO B 210 -29.70 -2.37 -19.76
C PRO B 210 -30.14 -2.18 -21.22
N THR B 211 -30.90 -1.15 -21.53
CA THR B 211 -31.26 -0.80 -22.89
C THR B 211 -30.21 0.07 -23.56
N GLU B 212 -29.30 0.65 -22.79
CA GLU B 212 -28.20 1.43 -23.34
C GLU B 212 -27.11 0.48 -23.80
N CYS B 213 -26.91 0.38 -25.11
CA CYS B 213 -25.81 -0.37 -25.68
C CYS B 213 -24.91 0.51 -26.54
N SER B 214 -25.17 1.82 -26.55
CA SER B 214 -24.39 2.84 -27.25
C SER B 214 -23.98 2.42 -28.66
N ARG C 4 27.60 10.19 23.04
CA ARG C 4 27.61 9.68 24.40
C ARG C 4 26.87 8.35 24.56
N LYS C 5 25.64 8.27 24.03
CA LYS C 5 24.78 7.11 24.24
C LYS C 5 25.35 5.87 23.55
N ARG C 6 24.77 4.72 23.89
CA ARG C 6 25.18 3.46 23.30
C ARG C 6 24.46 3.23 21.97
N ILE C 7 25.23 2.93 20.93
CA ILE C 7 24.67 2.64 19.61
C ILE C 7 24.63 1.13 19.42
N HIS C 8 23.44 0.60 19.10
CA HIS C 8 23.24 -0.83 18.94
C HIS C 8 23.14 -1.12 17.46
N ILE C 9 24.14 -1.81 16.92
CA ILE C 9 24.24 -2.00 15.46
C ILE C 9 23.98 -3.44 15.05
N GLY C 10 23.87 -4.37 15.99
CA GLY C 10 23.56 -5.74 15.64
C GLY C 10 23.40 -6.59 16.89
N PRO C 11 22.90 -7.82 16.73
CA PRO C 11 22.87 -8.77 17.85
C PRO C 11 24.24 -8.90 18.51
N GLY C 12 24.34 -8.48 19.77
CA GLY C 12 25.59 -8.57 20.50
C GLY C 12 26.67 -7.62 20.03
N ARG C 13 26.30 -6.55 19.34
CA ARG C 13 27.27 -5.59 18.81
C ARG C 13 26.78 -4.19 19.12
N ALA C 14 27.55 -3.46 19.91
CA ALA C 14 27.18 -2.12 20.36
C ALA C 14 28.44 -1.36 20.73
N PHE C 15 28.35 -0.04 20.70
CA PHE C 15 29.51 0.78 21.07
C PHE C 15 29.04 2.17 21.50
N TYR C 16 29.88 2.84 22.29
CA TYR C 16 29.65 4.22 22.67
C TYR C 16 30.26 5.15 21.63
N THR C 17 29.54 6.21 21.31
CA THR C 17 30.03 7.18 20.35
C THR C 17 30.82 8.29 21.04
#